data_1EGA
#
_entry.id   1EGA
#
_cell.length_a   86.790
_cell.length_b   67.560
_cell.length_c   87.290
_cell.angle_alpha   90.00
_cell.angle_beta   115.82
_cell.angle_gamma   90.00
#
_symmetry.space_group_name_H-M   'P 1 21 1'
#
loop_
_entity.id
_entity.type
_entity.pdbx_description
1 polymer 'PROTEIN (GTP-BINDING PROTEIN ERA)'
2 non-polymer 'SULFATE ION'
3 water water
#
_entity_poly.entity_id   1
_entity_poly.type   'polypeptide(L)'
_entity_poly.pdbx_seq_one_letter_code
;MSIDKSYCGFIAIVGRPNVGKSTLLNKLLGQKISITSRKAQTTRHRIVGIHTEGAYQAIYVDTPGLHMEEKRAINRLMNK
AASSSIGDVELVIFVVEGTRWTPDDEMVLNKLREGKAPVILAVNKVDNVQEKADLLPHLQFLASQMNFLDIVPISAETGL
NVDTIAAIVRKHLPEATHHFPEDYITDRSQRFMASEIIREKLMRFLGAELPYSVTVEIERFVSNERGGYDINGLILVERE
GQKKMVIGNKGAKIKTIGIEARKDMQEMFEAPVHLELWVKVKSGWADDERALRSLGYVDDL
;
_entity_poly.pdbx_strand_id   A,B
#
loop_
_chem_comp.id
_chem_comp.type
_chem_comp.name
_chem_comp.formula
SO4 non-polymer 'SULFATE ION' 'O4 S -2'
#
# COMPACT_ATOMS: atom_id res chain seq x y z
N ASP A 4 -9.16 5.83 -19.13
CA ASP A 4 -7.79 5.42 -19.58
C ASP A 4 -6.69 6.18 -18.84
N LYS A 5 -6.97 7.42 -18.48
CA LYS A 5 -6.02 8.25 -17.74
C LYS A 5 -6.50 8.49 -16.31
N SER A 6 -5.57 8.63 -15.38
CA SER A 6 -5.87 8.90 -13.98
C SER A 6 -5.09 10.13 -13.56
N TYR A 7 -5.53 10.81 -12.50
CA TYR A 7 -4.86 12.02 -12.03
C TYR A 7 -4.67 11.97 -10.55
N CYS A 8 -3.54 12.48 -10.10
CA CYS A 8 -3.24 12.47 -8.68
C CYS A 8 -2.22 13.55 -8.36
N GLY A 9 -2.44 14.27 -7.27
CA GLY A 9 -1.50 15.30 -6.87
C GLY A 9 -1.72 15.82 -5.47
N PHE A 10 -0.72 16.52 -4.94
CA PHE A 10 -0.77 17.12 -3.62
C PHE A 10 -1.40 18.52 -3.67
N ILE A 11 -2.16 18.84 -2.63
CA ILE A 11 -2.85 20.11 -2.53
C ILE A 11 -2.73 20.64 -1.11
N ALA A 12 -2.52 21.93 -0.97
CA ALA A 12 -2.35 22.52 0.35
C ALA A 12 -3.61 23.16 0.90
N ILE A 13 -3.64 23.23 2.23
CA ILE A 13 -4.68 23.90 2.98
C ILE A 13 -3.95 24.55 4.14
N VAL A 14 -3.75 25.85 3.98
CA VAL A 14 -3.04 26.64 4.96
C VAL A 14 -3.92 27.74 5.54
N GLY A 15 -3.41 28.37 6.59
CA GLY A 15 -4.13 29.43 7.26
C GLY A 15 -3.78 29.44 8.72
N ARG A 16 -3.91 30.57 9.41
CA ARG A 16 -3.62 30.60 10.85
C ARG A 16 -4.62 29.69 11.58
N PRO A 17 -4.29 29.28 12.82
CA PRO A 17 -5.24 28.40 13.51
C PRO A 17 -6.61 28.98 13.81
N ASN A 18 -7.59 28.09 13.84
CA ASN A 18 -8.99 28.41 14.15
C ASN A 18 -9.67 29.25 13.08
N VAL A 19 -9.40 28.89 11.83
CA VAL A 19 -9.96 29.58 10.67
C VAL A 19 -11.00 28.72 9.93
N GLY A 20 -11.07 27.43 10.25
CA GLY A 20 -12.04 26.55 9.62
C GLY A 20 -11.41 25.59 8.62
N LYS A 21 -10.08 25.47 8.68
CA LYS A 21 -9.33 24.58 7.77
C LYS A 21 -9.83 23.15 7.88
N SER A 22 -9.91 22.67 9.12
CA SER A 22 -10.32 21.30 9.41
C SER A 22 -11.73 21.02 8.95
N THR A 23 -12.61 21.99 9.14
CA THR A 23 -13.99 21.86 8.72
C THR A 23 -14.09 21.81 7.20
N LEU A 24 -13.26 22.62 6.54
CA LEU A 24 -13.24 22.67 5.08
C LEU A 24 -12.73 21.36 4.55
N LEU A 25 -11.67 20.84 5.18
CA LEU A 25 -11.10 19.55 4.78
C LEU A 25 -12.10 18.41 4.84
N ASN A 26 -12.84 18.31 5.95
CA ASN A 26 -13.82 17.24 6.11
C ASN A 26 -14.89 17.32 5.04
N LYS A 27 -15.31 18.54 4.71
CA LYS A 27 -16.32 18.72 3.66
C LYS A 27 -15.77 18.26 2.32
N LEU A 28 -14.48 18.53 2.10
CA LEU A 28 -13.81 18.14 0.86
C LEU A 28 -13.55 16.64 0.81
N LEU A 29 -13.19 16.03 1.94
CA LEU A 29 -12.98 14.57 1.99
C LEU A 29 -14.28 13.87 1.67
N GLY A 30 -15.37 14.57 1.99
CA GLY A 30 -16.71 14.08 1.64
C GLY A 30 -17.20 12.86 2.40
N GLN A 31 -16.66 12.65 3.57
CA GLN A 31 -17.04 11.53 4.43
C GLN A 31 -18.29 11.88 5.24
N LYS A 32 -19.28 10.98 5.28
CA LYS A 32 -20.51 11.18 6.04
C LYS A 32 -20.12 11.58 7.46
N ILE A 33 -19.57 10.60 8.19
CA ILE A 33 -19.08 10.82 9.54
C ILE A 33 -17.59 11.08 9.47
N SER A 34 -17.19 12.29 9.87
CA SER A 34 -15.79 12.72 9.81
C SER A 34 -15.07 12.53 11.14
N ILE A 35 -13.77 12.81 11.15
CA ILE A 35 -12.94 12.65 12.32
C ILE A 35 -11.93 13.79 12.41
N THR A 36 -12.31 14.85 13.11
CA THR A 36 -11.46 16.03 13.29
C THR A 36 -10.56 15.91 14.50
N SER A 37 -9.26 15.76 14.27
CA SER A 37 -8.31 15.66 15.37
C SER A 37 -7.72 17.03 15.70
N ARG A 38 -7.28 17.17 16.95
CA ARG A 38 -6.66 18.40 17.42
C ARG A 38 -5.21 18.10 17.81
N LYS A 39 -4.34 18.02 16.79
CA LYS A 39 -2.96 17.64 17.05
C LYS A 39 -1.90 18.73 16.87
N ALA A 40 -1.02 18.76 17.87
CA ALA A 40 0.15 19.61 17.86
C ALA A 40 1.23 18.72 17.27
N GLN A 41 0.93 17.43 17.31
CA GLN A 41 1.76 16.37 16.77
C GLN A 41 1.74 16.49 15.25
N THR A 42 2.53 17.45 14.74
CA THR A 42 2.62 17.68 13.31
C THR A 42 3.31 16.53 12.64
N THR A 43 2.62 16.00 11.65
CA THR A 43 3.11 14.90 10.82
C THR A 43 4.46 15.27 10.21
N ARG A 44 5.23 14.28 9.77
CA ARG A 44 6.50 14.60 9.10
C ARG A 44 6.30 14.54 7.60
N HIS A 45 5.14 14.00 7.21
CA HIS A 45 4.73 13.86 5.83
C HIS A 45 3.71 14.94 5.47
N ARG A 46 3.17 15.59 6.49
CA ARG A 46 2.19 16.67 6.37
C ARG A 46 0.88 16.27 5.72
N ILE A 47 0.66 14.98 5.46
CA ILE A 47 -0.61 14.61 4.88
C ILE A 47 -1.70 14.75 5.94
N VAL A 48 -2.81 15.34 5.52
CA VAL A 48 -3.91 15.67 6.39
C VAL A 48 -5.19 14.97 5.96
N GLY A 49 -5.18 14.37 4.78
CA GLY A 49 -6.35 13.67 4.28
C GLY A 49 -6.20 13.36 2.80
N ILE A 50 -6.86 12.30 2.30
CA ILE A 50 -6.76 11.92 0.90
C ILE A 50 -8.14 11.70 0.32
N HIS A 51 -8.46 12.40 -0.76
CA HIS A 51 -9.75 12.27 -1.40
C HIS A 51 -9.60 11.56 -2.73
N THR A 52 -10.10 10.33 -2.77
CA THR A 52 -10.04 9.52 -3.98
C THR A 52 -11.45 9.28 -4.48
N GLU A 53 -11.64 9.47 -5.78
CA GLU A 53 -12.95 9.28 -6.38
C GLU A 53 -12.73 9.09 -7.85
N GLY A 54 -13.12 7.92 -8.36
CA GLY A 54 -12.90 7.62 -9.75
C GLY A 54 -11.42 7.67 -10.07
N ALA A 55 -11.07 8.37 -11.14
CA ALA A 55 -9.69 8.53 -11.61
C ALA A 55 -8.93 9.59 -10.83
N TYR A 56 -9.62 10.28 -9.92
CA TYR A 56 -9.00 11.38 -9.18
C TYR A 56 -8.65 11.07 -7.73
N GLN A 57 -7.45 11.48 -7.34
CA GLN A 57 -6.95 11.34 -5.98
C GLN A 57 -6.20 12.59 -5.54
N ALA A 58 -6.86 13.40 -4.76
CA ALA A 58 -6.24 14.61 -4.25
C ALA A 58 -5.69 14.32 -2.87
N ILE A 59 -4.42 14.60 -2.70
CA ILE A 59 -3.77 14.38 -1.42
C ILE A 59 -3.61 15.71 -0.76
N TYR A 60 -4.40 15.93 0.29
CA TYR A 60 -4.38 17.19 1.01
C TYR A 60 -3.31 17.23 2.09
N VAL A 61 -2.46 18.26 2.01
CA VAL A 61 -1.41 18.50 2.99
C VAL A 61 -1.65 19.85 3.68
N ASP A 62 -0.93 20.14 4.75
CA ASP A 62 -1.13 21.37 5.49
C ASP A 62 0.09 22.29 5.37
N THR A 63 0.87 22.06 4.31
CA THR A 63 2.07 22.85 3.99
C THR A 63 1.95 23.33 2.54
N PRO A 64 2.42 24.56 2.25
CA PRO A 64 2.34 25.11 0.89
C PRO A 64 3.31 24.40 -0.04
N GLY A 65 4.48 24.06 0.50
CA GLY A 65 5.48 23.36 -0.26
C GLY A 65 5.99 22.14 0.50
N LEU A 66 6.11 21.01 -0.19
CA LEU A 66 6.59 19.77 0.41
C LEU A 66 8.11 19.67 0.39
N HIS A 67 8.70 19.62 1.58
CA HIS A 67 10.15 19.51 1.77
C HIS A 67 10.64 18.14 1.36
N MET A 68 11.96 17.97 1.23
CA MET A 68 12.50 16.67 0.89
C MET A 68 12.27 15.71 2.05
N GLU A 69 12.38 16.26 3.27
CA GLU A 69 12.14 15.53 4.51
C GLU A 69 10.71 15.01 4.52
N GLU A 70 9.80 15.89 4.11
CA GLU A 70 8.38 15.55 4.04
C GLU A 70 8.12 14.55 2.92
N LYS A 71 9.01 14.51 1.93
CA LYS A 71 8.84 13.57 0.83
C LYS A 71 9.20 12.16 1.24
N ARG A 72 10.23 12.02 2.05
CA ARG A 72 10.66 10.71 2.52
C ARG A 72 9.66 10.17 3.52
N ALA A 73 9.07 11.08 4.29
CA ALA A 73 8.10 10.70 5.30
C ALA A 73 6.82 10.19 4.67
N ILE A 74 6.47 10.73 3.51
CA ILE A 74 5.28 10.29 2.80
C ILE A 74 5.53 8.87 2.27
N ASN A 75 6.78 8.64 1.85
CA ASN A 75 7.17 7.34 1.35
C ASN A 75 7.11 6.28 2.48
N ARG A 76 7.63 6.62 3.67
CA ARG A 76 7.60 5.73 4.85
C ARG A 76 6.17 5.39 5.24
N LEU A 77 5.31 6.40 5.12
CA LEU A 77 3.90 6.26 5.41
C LEU A 77 3.32 5.21 4.45
N MET A 78 3.75 5.28 3.18
CA MET A 78 3.31 4.35 2.14
C MET A 78 4.11 3.06 2.13
N ASN A 79 5.17 3.01 2.93
CA ASN A 79 6.07 1.86 3.00
C ASN A 79 6.75 1.65 1.66
N LYS A 80 7.16 2.77 1.07
CA LYS A 80 7.82 2.81 -0.21
C LYS A 80 9.25 3.27 -0.07
N ALA A 81 10.06 2.87 -1.04
CA ALA A 81 11.46 3.25 -1.08
C ALA A 81 11.56 4.77 -0.98
N ALA A 82 12.47 5.24 -0.13
CA ALA A 82 12.71 6.66 0.08
C ALA A 82 13.00 7.38 -1.21
N SER A 83 13.45 6.61 -2.21
CA SER A 83 13.81 7.12 -3.52
C SER A 83 12.63 7.22 -4.48
N SER A 84 11.51 6.59 -4.14
CA SER A 84 10.32 6.67 -4.99
C SER A 84 9.87 8.12 -5.08
N SER A 85 9.66 8.57 -6.31
CA SER A 85 9.30 9.97 -6.59
C SER A 85 7.95 10.41 -6.00
N ILE A 86 7.98 11.61 -5.40
CA ILE A 86 6.81 12.28 -4.84
C ILE A 86 6.75 13.64 -5.51
N GLY A 87 5.59 14.00 -6.05
CA GLY A 87 5.47 15.27 -6.74
C GLY A 87 5.64 16.52 -5.90
N ASP A 88 4.82 17.53 -6.21
CA ASP A 88 4.82 18.81 -5.52
C ASP A 88 3.43 19.37 -5.41
N VAL A 89 3.25 20.32 -4.49
CA VAL A 89 1.96 20.99 -4.28
C VAL A 89 1.57 21.70 -5.59
N GLU A 90 0.35 21.43 -6.06
CA GLU A 90 -0.13 21.98 -7.33
C GLU A 90 -1.16 23.10 -7.17
N LEU A 91 -1.63 23.29 -5.95
CA LEU A 91 -2.62 24.30 -5.67
C LEU A 91 -2.58 24.61 -4.20
N VAL A 92 -3.07 25.78 -3.81
CA VAL A 92 -3.08 26.12 -2.40
C VAL A 92 -4.40 26.79 -2.01
N ILE A 93 -5.03 26.28 -0.96
CA ILE A 93 -6.26 26.86 -0.47
C ILE A 93 -5.92 27.64 0.79
N PHE A 94 -5.80 28.97 0.64
CA PHE A 94 -5.49 29.85 1.75
C PHE A 94 -6.79 30.28 2.41
N VAL A 95 -7.04 29.78 3.62
CA VAL A 95 -8.29 30.09 4.32
C VAL A 95 -8.11 31.22 5.33
N VAL A 96 -8.99 32.22 5.24
CA VAL A 96 -8.99 33.37 6.15
C VAL A 96 -10.36 33.48 6.83
N GLU A 97 -10.41 34.17 7.97
CA GLU A 97 -11.67 34.30 8.72
C GLU A 97 -12.35 35.65 8.54
N GLY A 98 -13.44 35.65 7.79
CA GLY A 98 -14.22 36.86 7.54
C GLY A 98 -13.42 38.10 7.18
N THR A 99 -13.41 39.05 8.12
CA THR A 99 -12.75 40.34 7.97
C THR A 99 -11.52 40.45 8.88
N ARG A 100 -11.08 39.32 9.41
CA ARG A 100 -9.91 39.28 10.28
C ARG A 100 -8.62 39.21 9.47
N TRP A 101 -7.57 39.83 10.00
CA TRP A 101 -6.27 39.82 9.36
C TRP A 101 -5.20 40.18 10.38
N THR A 102 -4.59 39.14 10.92
CA THR A 102 -3.55 39.20 11.95
C THR A 102 -2.18 39.04 11.31
N PRO A 103 -1.08 39.35 12.03
CA PRO A 103 0.21 39.17 11.39
C PRO A 103 0.41 37.67 11.12
N ASP A 104 -0.47 36.85 11.71
CA ASP A 104 -0.46 35.41 11.54
C ASP A 104 -1.01 35.04 10.19
N ASP A 105 -2.01 35.77 9.74
CA ASP A 105 -2.58 35.55 8.41
C ASP A 105 -1.55 35.99 7.37
N GLU A 106 -0.83 37.05 7.68
CA GLU A 106 0.18 37.52 6.76
C GLU A 106 1.30 36.54 6.74
N MET A 107 1.65 35.99 7.90
CA MET A 107 2.72 35.01 7.98
C MET A 107 2.49 33.88 6.96
N VAL A 108 1.28 33.35 6.92
CA VAL A 108 0.94 32.31 5.95
C VAL A 108 1.02 32.88 4.52
N LEU A 109 0.35 34.00 4.29
CA LEU A 109 0.33 34.63 2.96
C LEU A 109 1.75 34.88 2.45
N ASN A 110 2.67 35.22 3.35
CA ASN A 110 4.03 35.50 2.99
C ASN A 110 4.72 34.26 2.41
N LYS A 111 4.45 33.10 2.99
CA LYS A 111 5.05 31.84 2.55
C LYS A 111 4.53 31.34 1.20
N LEU A 112 3.32 31.72 0.86
CA LEU A 112 2.73 31.26 -0.40
C LEU A 112 3.24 32.03 -1.62
N ARG A 113 2.88 33.32 -1.73
CA ARG A 113 3.24 34.21 -2.85
C ARG A 113 4.56 33.83 -3.52
N GLU A 114 5.52 33.46 -2.68
CA GLU A 114 6.83 33.03 -3.13
C GLU A 114 6.77 31.58 -3.59
N GLY A 115 5.87 31.29 -4.54
CA GLY A 115 5.72 29.93 -5.04
C GLY A 115 5.18 29.87 -6.46
N LYS A 116 5.34 28.72 -7.11
CA LYS A 116 4.86 28.57 -8.47
C LYS A 116 3.47 27.93 -8.49
N ALA A 117 2.93 27.67 -7.29
CA ALA A 117 1.60 27.05 -7.15
C ALA A 117 0.48 28.10 -7.06
N PRO A 118 -0.58 27.91 -7.85
CA PRO A 118 -1.68 28.86 -7.80
C PRO A 118 -2.29 28.81 -6.42
N VAL A 119 -2.96 29.89 -6.02
CA VAL A 119 -3.60 29.92 -4.71
C VAL A 119 -5.00 30.52 -4.73
N ILE A 120 -5.90 29.81 -4.05
CA ILE A 120 -7.30 30.16 -3.86
C ILE A 120 -7.45 30.82 -2.49
N LEU A 121 -8.17 31.93 -2.45
CA LEU A 121 -8.44 32.58 -1.16
C LEU A 121 -9.81 32.12 -0.75
N ALA A 122 -9.86 31.43 0.38
CA ALA A 122 -11.13 30.96 0.90
C ALA A 122 -11.52 31.81 2.09
N VAL A 123 -12.53 32.65 1.89
CA VAL A 123 -12.97 33.52 2.97
C VAL A 123 -14.05 32.81 3.78
N ASN A 124 -13.65 32.33 4.95
CA ASN A 124 -14.55 31.57 5.82
C ASN A 124 -15.34 32.48 6.75
N LYS A 125 -16.46 31.94 7.26
CA LYS A 125 -17.34 32.63 8.21
C LYS A 125 -17.71 34.00 7.68
N VAL A 126 -17.97 34.05 6.38
CA VAL A 126 -18.32 35.28 5.69
C VAL A 126 -19.73 35.75 6.06
N ASP A 127 -20.55 34.83 6.57
CA ASP A 127 -21.92 35.15 6.98
C ASP A 127 -21.93 35.80 8.34
N ASN A 128 -20.91 35.52 9.15
CA ASN A 128 -20.79 36.09 10.48
C ASN A 128 -20.72 37.61 10.39
N VAL A 129 -19.91 38.10 9.44
CA VAL A 129 -19.75 39.54 9.24
C VAL A 129 -21.08 40.18 8.82
N GLN A 130 -21.82 40.60 9.85
CA GLN A 130 -23.13 41.23 9.71
C GLN A 130 -22.98 42.63 9.12
N GLU A 131 -21.76 43.13 9.12
CA GLU A 131 -21.43 44.44 8.59
C GLU A 131 -20.72 44.28 7.26
N LYS A 132 -21.46 44.03 6.19
CA LYS A 132 -20.87 43.86 4.86
C LYS A 132 -20.03 45.08 4.51
N ALA A 133 -20.40 46.22 5.10
CA ALA A 133 -19.70 47.50 4.93
C ALA A 133 -18.25 47.38 5.32
N ASP A 134 -17.92 46.22 5.87
CA ASP A 134 -16.55 45.89 6.26
C ASP A 134 -15.98 44.96 5.22
N LEU A 135 -16.83 44.09 4.66
CA LEU A 135 -16.45 43.06 3.69
C LEU A 135 -15.84 43.58 2.39
N LEU A 136 -16.62 44.23 1.54
CA LEU A 136 -16.09 44.70 0.26
C LEU A 136 -14.73 45.41 0.39
N PRO A 137 -14.62 46.39 1.30
CA PRO A 137 -13.33 47.07 1.43
C PRO A 137 -12.24 46.08 1.74
N HIS A 138 -12.57 45.14 2.62
CA HIS A 138 -11.64 44.12 3.05
C HIS A 138 -11.20 43.22 1.88
N LEU A 139 -12.18 42.67 1.15
CA LEU A 139 -11.89 41.81 0.03
C LEU A 139 -11.02 42.50 -1.00
N GLN A 140 -11.22 43.81 -1.20
CA GLN A 140 -10.43 44.56 -2.17
C GLN A 140 -9.00 44.72 -1.69
N PHE A 141 -8.85 44.76 -0.38
CA PHE A 141 -7.54 44.87 0.25
C PHE A 141 -6.83 43.51 0.21
N LEU A 142 -7.62 42.44 0.31
CA LEU A 142 -7.09 41.09 0.27
C LEU A 142 -6.55 40.78 -1.13
N ALA A 143 -7.38 41.00 -2.13
CA ALA A 143 -6.98 40.79 -3.52
C ALA A 143 -5.73 41.63 -3.84
N SER A 144 -5.50 42.69 -3.08
CA SER A 144 -4.34 43.56 -3.28
C SER A 144 -3.08 42.95 -2.71
N GLN A 145 -3.21 41.81 -2.05
CA GLN A 145 -2.06 41.14 -1.41
C GLN A 145 -1.27 40.25 -2.37
N MET A 146 -1.92 39.77 -3.43
CA MET A 146 -1.29 38.96 -4.45
C MET A 146 -2.30 38.48 -5.44
N ASN A 147 -1.83 37.88 -6.54
CA ASN A 147 -2.77 37.44 -7.56
C ASN A 147 -3.31 36.07 -7.25
N PHE A 148 -4.48 36.05 -6.67
CA PHE A 148 -5.14 34.82 -6.35
C PHE A 148 -5.75 34.28 -7.64
N LEU A 149 -5.74 32.95 -7.77
CA LEU A 149 -6.33 32.29 -8.92
C LEU A 149 -7.80 32.57 -8.88
N ASP A 150 -8.29 32.66 -7.65
CA ASP A 150 -9.70 32.88 -7.36
C ASP A 150 -9.89 33.31 -5.91
N ILE A 151 -10.98 34.02 -5.66
CA ILE A 151 -11.34 34.46 -4.32
C ILE A 151 -12.74 33.92 -4.11
N VAL A 152 -12.87 32.93 -3.24
CA VAL A 152 -14.16 32.34 -3.02
C VAL A 152 -14.54 32.33 -1.56
N PRO A 153 -15.74 32.87 -1.27
CA PRO A 153 -16.29 32.96 0.07
C PRO A 153 -17.02 31.64 0.32
N ILE A 154 -16.79 31.10 1.50
CA ILE A 154 -17.39 29.84 1.88
C ILE A 154 -17.94 29.90 3.29
N SER A 155 -18.67 28.85 3.58
CA SER A 155 -19.23 28.53 4.88
C SER A 155 -18.89 27.07 5.01
N ALA A 156 -17.86 26.76 5.77
CA ALA A 156 -17.44 25.38 5.90
C ALA A 156 -18.49 24.47 6.55
N GLU A 157 -19.32 25.04 7.42
CA GLU A 157 -20.36 24.27 8.13
C GLU A 157 -21.65 24.13 7.30
N THR A 158 -21.68 24.77 6.13
CA THR A 158 -22.84 24.68 5.24
C THR A 158 -22.39 24.07 3.93
N GLY A 159 -21.10 24.27 3.63
CA GLY A 159 -20.50 23.82 2.40
C GLY A 159 -20.82 24.77 1.27
N LEU A 160 -20.88 26.07 1.61
CA LEU A 160 -21.24 27.13 0.66
C LEU A 160 -20.61 26.93 -0.69
N ASN A 161 -19.31 27.16 -0.76
CA ASN A 161 -18.62 26.96 -2.02
C ASN A 161 -17.51 25.94 -1.89
N VAL A 162 -17.86 24.81 -1.30
CA VAL A 162 -16.91 23.73 -1.14
C VAL A 162 -16.85 22.94 -2.45
N ASP A 163 -17.99 22.84 -3.12
CA ASP A 163 -18.08 22.16 -4.41
C ASP A 163 -17.25 22.92 -5.44
N THR A 164 -17.23 24.24 -5.30
CA THR A 164 -16.49 25.10 -6.18
C THR A 164 -15.02 24.90 -5.97
N ILE A 165 -14.61 24.86 -4.71
CA ILE A 165 -13.21 24.60 -4.40
C ILE A 165 -12.87 23.16 -4.79
N ALA A 166 -13.85 22.26 -4.72
CA ALA A 166 -13.61 20.87 -5.07
C ALA A 166 -13.29 20.74 -6.57
N ALA A 167 -13.99 21.53 -7.37
CA ALA A 167 -13.84 21.55 -8.83
C ALA A 167 -12.47 22.14 -9.27
N ILE A 168 -12.05 23.23 -8.66
CA ILE A 168 -10.78 23.80 -9.03
C ILE A 168 -9.68 22.84 -8.67
N VAL A 169 -9.80 22.26 -7.48
CA VAL A 169 -8.85 21.29 -6.93
C VAL A 169 -8.64 20.13 -7.87
N ARG A 170 -9.73 19.58 -8.37
CA ARG A 170 -9.56 18.47 -9.27
C ARG A 170 -8.85 18.92 -10.57
N LYS A 171 -9.13 20.16 -11.04
CA LYS A 171 -8.54 20.76 -12.25
C LYS A 171 -7.10 20.93 -12.15
N HIS A 172 -6.61 20.70 -10.96
CA HIS A 172 -5.21 20.91 -10.75
C HIS A 172 -4.47 19.65 -10.48
N LEU A 173 -5.18 18.54 -10.54
CA LEU A 173 -4.57 17.24 -10.33
C LEU A 173 -3.86 16.82 -11.59
N PRO A 174 -2.54 16.69 -11.51
CA PRO A 174 -1.74 16.30 -12.66
C PRO A 174 -2.05 14.87 -13.06
N GLU A 175 -1.82 14.56 -14.34
CA GLU A 175 -2.03 13.21 -14.85
C GLU A 175 -0.99 12.30 -14.22
N ALA A 176 -1.45 11.25 -13.56
CA ALA A 176 -0.55 10.34 -12.88
C ALA A 176 -1.31 9.21 -12.20
N THR A 177 -0.57 8.19 -11.80
CA THR A 177 -1.14 7.06 -11.11
C THR A 177 -1.32 7.44 -9.66
N HIS A 178 -2.35 6.91 -9.01
CA HIS A 178 -2.56 7.23 -7.60
C HIS A 178 -1.37 6.75 -6.79
N HIS A 179 -0.94 7.53 -5.81
CA HIS A 179 0.15 7.12 -4.92
C HIS A 179 -0.36 6.20 -3.80
N PHE A 180 -1.60 6.42 -3.37
CA PHE A 180 -2.18 5.70 -2.24
C PHE A 180 -3.33 4.75 -2.59
N PRO A 181 -3.48 3.67 -1.78
CA PRO A 181 -4.57 2.73 -2.01
C PRO A 181 -5.78 3.60 -1.57
N GLU A 182 -6.97 3.21 -1.97
CA GLU A 182 -8.16 3.98 -1.69
C GLU A 182 -8.33 4.44 -0.26
N ASP A 183 -8.61 3.53 0.67
CA ASP A 183 -8.88 3.97 2.04
C ASP A 183 -7.70 3.87 3.00
N TYR A 184 -6.52 4.29 2.56
CA TYR A 184 -5.30 4.26 3.38
C TYR A 184 -5.46 5.20 4.60
N ILE A 185 -4.82 4.84 5.71
CA ILE A 185 -4.84 5.70 6.90
C ILE A 185 -3.48 6.39 7.12
N THR A 186 -3.55 7.72 7.16
CA THR A 186 -2.39 8.59 7.35
C THR A 186 -2.09 8.81 8.83
N ASP A 187 -3.09 8.52 9.65
CA ASP A 187 -3.04 8.59 11.09
C ASP A 187 -3.18 7.17 11.62
N ARG A 188 -2.06 6.61 12.04
CA ARG A 188 -2.07 5.24 12.51
C ARG A 188 -2.00 5.13 14.01
N SER A 189 -2.15 6.28 14.68
CA SER A 189 -2.13 6.38 16.13
C SER A 189 -3.32 5.70 16.77
N GLN A 190 -3.17 5.36 18.04
CA GLN A 190 -4.30 4.77 18.76
C GLN A 190 -5.45 5.76 18.89
N ARG A 191 -5.05 7.03 19.05
CA ARG A 191 -6.03 8.10 19.15
C ARG A 191 -6.96 8.08 17.94
N PHE A 192 -6.41 7.86 16.73
CA PHE A 192 -7.25 7.79 15.53
C PHE A 192 -8.00 6.47 15.48
N MET A 193 -7.37 5.41 15.97
CA MET A 193 -8.02 4.10 16.00
C MET A 193 -9.31 4.20 16.81
N ALA A 194 -9.22 4.95 17.91
CA ALA A 194 -10.34 5.18 18.83
C ALA A 194 -11.51 5.87 18.12
N SER A 195 -11.22 7.03 17.51
CA SER A 195 -12.19 7.83 16.77
C SER A 195 -12.87 6.96 15.74
N GLU A 196 -12.05 6.10 15.14
CA GLU A 196 -12.46 5.16 14.10
C GLU A 196 -13.45 4.13 14.61
N ILE A 197 -13.26 3.64 15.82
CA ILE A 197 -14.20 2.66 16.36
C ILE A 197 -15.57 3.32 16.65
N ILE A 198 -15.53 4.55 17.16
CA ILE A 198 -16.76 5.30 17.45
C ILE A 198 -17.52 5.58 16.16
N ARG A 199 -16.78 5.99 15.14
CA ARG A 199 -17.30 6.29 13.82
C ARG A 199 -18.16 5.12 13.30
N GLU A 200 -17.67 3.90 13.46
CA GLU A 200 -18.38 2.71 12.99
C GLU A 200 -19.60 2.42 13.80
N LYS A 201 -19.46 2.55 15.12
CA LYS A 201 -20.57 2.31 16.01
C LYS A 201 -21.74 3.26 15.71
N LEU A 202 -21.42 4.52 15.38
CA LEU A 202 -22.41 5.53 15.01
C LEU A 202 -23.06 5.13 13.72
N MET A 203 -22.23 4.79 12.73
CA MET A 203 -22.73 4.37 11.44
C MET A 203 -23.61 3.13 11.59
N ARG A 204 -23.16 2.17 12.39
CA ARG A 204 -23.88 0.92 12.61
C ARG A 204 -25.21 1.12 13.36
N PHE A 205 -25.13 1.73 14.54
CA PHE A 205 -26.30 1.92 15.41
C PHE A 205 -27.24 3.06 15.06
N LEU A 206 -26.74 4.18 14.53
CA LEU A 206 -27.66 5.26 14.18
C LEU A 206 -28.53 4.83 13.02
N GLY A 207 -27.96 4.08 12.10
CA GLY A 207 -28.72 3.55 10.98
C GLY A 207 -29.27 4.60 10.06
N ALA A 208 -30.53 4.44 9.68
CA ALA A 208 -31.25 5.35 8.79
C ALA A 208 -31.35 6.78 9.37
N GLU A 209 -31.11 6.90 10.66
CA GLU A 209 -31.20 8.17 11.37
C GLU A 209 -29.90 8.93 11.42
N LEU A 210 -28.84 8.43 10.78
CA LEU A 210 -27.56 9.14 10.82
C LEU A 210 -27.70 10.39 9.99
N PRO A 211 -27.39 11.55 10.57
CA PRO A 211 -27.50 12.79 9.81
C PRO A 211 -26.15 13.09 9.15
N TYR A 212 -26.13 14.13 8.33
CA TYR A 212 -24.88 14.54 7.72
C TYR A 212 -24.08 15.32 8.74
N SER A 213 -22.82 15.52 8.42
CA SER A 213 -21.94 16.37 9.22
C SER A 213 -21.69 15.94 10.65
N VAL A 214 -21.76 14.65 10.96
CA VAL A 214 -21.43 14.23 12.32
C VAL A 214 -19.91 14.19 12.42
N THR A 215 -19.35 14.47 13.59
CA THR A 215 -17.90 14.45 13.71
C THR A 215 -17.47 13.83 15.03
N VAL A 216 -16.63 12.81 14.95
CA VAL A 216 -16.10 12.14 16.13
C VAL A 216 -14.76 12.75 16.46
N GLU A 217 -14.39 12.75 17.74
CA GLU A 217 -13.13 13.35 18.16
C GLU A 217 -12.75 12.96 19.60
N ILE A 218 -11.50 12.55 19.81
CA ILE A 218 -11.02 12.14 21.12
C ILE A 218 -10.49 13.35 21.88
N GLU A 219 -11.19 13.76 22.93
CA GLU A 219 -10.79 14.92 23.73
C GLU A 219 -9.69 14.54 24.72
N ARG A 220 -9.57 13.25 24.99
CA ARG A 220 -8.56 12.74 25.90
C ARG A 220 -8.34 11.24 25.72
N PHE A 221 -7.07 10.88 25.61
CA PHE A 221 -6.64 9.50 25.46
C PHE A 221 -5.37 9.38 26.27
N VAL A 222 -5.44 8.70 27.40
CA VAL A 222 -4.25 8.63 28.23
C VAL A 222 -4.21 7.37 29.06
N SER A 223 -3.22 7.35 29.95
CA SER A 223 -3.04 6.30 30.94
C SER A 223 -3.33 6.94 32.29
N ASN A 224 -3.10 6.26 33.40
CA ASN A 224 -3.38 6.90 34.69
C ASN A 224 -2.26 6.68 35.68
N GLU A 225 -2.41 7.27 36.85
CA GLU A 225 -1.46 7.07 37.93
C GLU A 225 -1.77 5.70 38.53
N ARG A 226 -2.94 5.19 38.12
CA ARG A 226 -3.45 3.89 38.53
C ARG A 226 -3.40 2.91 37.35
N GLY A 227 -2.95 3.40 36.20
CA GLY A 227 -2.83 2.57 35.00
C GLY A 227 -4.12 2.44 34.21
N GLY A 228 -3.97 2.00 32.96
CA GLY A 228 -5.12 1.82 32.08
C GLY A 228 -5.23 2.87 30.99
N TYR A 229 -6.27 2.78 30.17
CA TYR A 229 -6.52 3.74 29.09
C TYR A 229 -7.78 4.57 29.32
N ASP A 230 -7.60 5.87 29.54
CA ASP A 230 -8.69 6.83 29.75
C ASP A 230 -9.05 7.54 28.45
N ILE A 231 -10.11 7.08 27.82
CA ILE A 231 -10.52 7.65 26.56
C ILE A 231 -11.86 8.38 26.66
N ASN A 232 -11.84 9.62 26.18
CA ASN A 232 -12.98 10.52 26.17
C ASN A 232 -13.40 10.86 24.75
N GLY A 233 -14.54 10.33 24.33
CA GLY A 233 -15.03 10.59 23.00
C GLY A 233 -15.99 11.76 22.96
N LEU A 234 -15.92 12.54 21.88
CA LEU A 234 -16.78 13.69 21.66
C LEU A 234 -17.51 13.56 20.32
N ILE A 235 -18.82 13.34 20.35
CA ILE A 235 -19.59 13.21 19.13
C ILE A 235 -20.33 14.49 18.85
N LEU A 236 -19.78 15.31 17.95
CA LEU A 236 -20.39 16.61 17.61
C LEU A 236 -21.36 16.49 16.48
N VAL A 237 -22.50 17.14 16.65
CA VAL A 237 -23.57 17.11 15.67
C VAL A 237 -23.98 18.54 15.28
N GLU A 238 -24.69 18.69 14.16
CA GLU A 238 -25.10 20.01 13.69
C GLU A 238 -26.28 20.60 14.47
N ARG A 239 -27.40 19.88 14.48
CA ARG A 239 -28.61 20.35 15.17
C ARG A 239 -28.78 19.81 16.59
N GLU A 240 -29.75 20.41 17.27
CA GLU A 240 -30.12 20.05 18.64
C GLU A 240 -30.89 18.74 18.66
N GLY A 241 -31.93 18.65 17.82
CA GLY A 241 -32.73 17.44 17.75
C GLY A 241 -31.92 16.23 17.34
N GLN A 242 -30.83 16.49 16.63
CA GLN A 242 -29.94 15.45 16.18
C GLN A 242 -29.22 14.86 17.40
N LYS A 243 -28.88 15.75 18.33
CA LYS A 243 -28.20 15.36 19.56
C LYS A 243 -29.03 14.37 20.34
N LYS A 244 -30.36 14.54 20.27
CA LYS A 244 -31.28 13.67 20.98
C LYS A 244 -31.34 12.30 20.33
N MET A 245 -30.99 12.26 19.05
CA MET A 245 -30.97 11.03 18.28
C MET A 245 -29.83 10.15 18.80
N VAL A 246 -28.63 10.69 18.76
CA VAL A 246 -27.45 9.98 19.22
C VAL A 246 -27.65 9.49 20.64
N ILE A 247 -28.39 10.24 21.43
CA ILE A 247 -28.65 9.86 22.82
C ILE A 247 -29.73 8.77 22.87
N GLY A 248 -30.78 8.96 22.08
CA GLY A 248 -31.85 7.99 21.97
C GLY A 248 -32.71 7.89 23.21
N ASN A 249 -33.76 7.08 23.10
CA ASN A 249 -34.75 6.80 24.16
C ASN A 249 -34.06 6.36 25.46
N LYS A 250 -34.38 7.06 26.53
CA LYS A 250 -33.81 6.78 27.85
C LYS A 250 -32.31 6.81 27.93
N GLY A 251 -31.63 7.02 26.80
CA GLY A 251 -30.18 7.06 26.75
C GLY A 251 -29.61 5.78 26.21
N ALA A 252 -30.52 4.99 25.65
CA ALA A 252 -30.24 3.69 25.07
C ALA A 252 -29.14 3.70 24.00
N LYS A 253 -29.43 4.36 22.88
CA LYS A 253 -28.49 4.43 21.75
C LYS A 253 -27.08 4.85 22.14
N ILE A 254 -26.93 5.84 23.00
CA ILE A 254 -25.59 6.28 23.37
C ILE A 254 -24.95 5.34 24.39
N LYS A 255 -25.80 4.58 25.06
CA LYS A 255 -25.36 3.58 26.02
C LYS A 255 -24.70 2.46 25.22
N THR A 256 -25.46 1.91 24.26
CA THR A 256 -25.00 0.82 23.39
C THR A 256 -23.72 1.18 22.66
N ILE A 257 -23.78 2.26 21.87
CA ILE A 257 -22.64 2.74 21.11
C ILE A 257 -21.39 2.78 21.98
N GLY A 258 -21.58 3.15 23.24
CA GLY A 258 -20.47 3.25 24.18
C GLY A 258 -19.94 1.92 24.66
N ILE A 259 -20.79 0.95 24.96
CA ILE A 259 -20.31 -0.36 25.42
C ILE A 259 -19.59 -1.08 24.29
N GLU A 260 -20.25 -1.13 23.12
CA GLU A 260 -19.73 -1.77 21.93
C GLU A 260 -18.43 -1.11 21.47
N ALA A 261 -18.37 0.21 21.54
CA ALA A 261 -17.18 0.93 21.15
C ALA A 261 -16.05 0.62 22.12
N ARG A 262 -16.36 0.64 23.42
CA ARG A 262 -15.36 0.33 24.46
C ARG A 262 -14.80 -1.07 24.25
N LYS A 263 -15.69 -1.99 23.90
CA LYS A 263 -15.35 -3.39 23.65
C LYS A 263 -14.12 -3.46 22.72
N ASP A 264 -14.31 -2.99 21.49
CA ASP A 264 -13.26 -2.99 20.47
C ASP A 264 -12.05 -2.21 20.94
N MET A 265 -12.26 -1.07 21.59
CA MET A 265 -11.14 -0.28 22.04
C MET A 265 -10.20 -1.14 22.86
N GLN A 266 -10.78 -2.13 23.53
CA GLN A 266 -10.04 -3.07 24.36
C GLN A 266 -9.52 -4.24 23.54
N GLU A 267 -10.34 -4.77 22.62
CA GLU A 267 -9.91 -5.87 21.76
C GLU A 267 -8.75 -5.42 20.86
N MET A 268 -8.83 -4.18 20.38
CA MET A 268 -7.81 -3.58 19.52
C MET A 268 -6.60 -3.24 20.34
N PHE A 269 -6.75 -2.33 21.29
CA PHE A 269 -5.63 -2.02 22.16
C PHE A 269 -5.47 -3.17 23.14
N GLU A 270 -4.38 -3.21 23.88
CA GLU A 270 -4.20 -4.29 24.84
C GLU A 270 -4.21 -3.72 26.23
N ALA A 271 -5.42 -3.42 26.70
CA ALA A 271 -5.67 -2.83 28.02
C ALA A 271 -7.11 -2.39 28.14
N PRO A 272 -7.72 -2.56 29.31
CA PRO A 272 -9.11 -2.15 29.48
C PRO A 272 -9.20 -0.63 29.38
N VAL A 273 -10.31 -0.14 28.86
CA VAL A 273 -10.49 1.30 28.71
C VAL A 273 -11.77 1.79 29.36
N HIS A 274 -11.65 2.93 30.02
CA HIS A 274 -12.79 3.60 30.61
C HIS A 274 -13.22 4.69 29.62
N LEU A 275 -14.10 4.30 28.70
CA LEU A 275 -14.61 5.18 27.66
C LEU A 275 -15.74 6.07 28.14
N GLU A 276 -15.61 7.35 27.86
CA GLU A 276 -16.60 8.34 28.22
C GLU A 276 -17.03 9.09 26.95
N LEU A 277 -18.22 8.76 26.44
CA LEU A 277 -18.78 9.33 25.21
C LEU A 277 -19.73 10.51 25.46
N TRP A 278 -19.41 11.68 24.87
CA TRP A 278 -20.22 12.90 25.04
C TRP A 278 -20.79 13.45 23.74
N VAL A 279 -22.11 13.43 23.61
CA VAL A 279 -22.72 14.01 22.42
C VAL A 279 -22.75 15.52 22.62
N LYS A 280 -22.65 16.28 21.54
CA LYS A 280 -22.62 17.74 21.67
C LYS A 280 -22.91 18.45 20.36
N VAL A 281 -23.63 19.57 20.44
CA VAL A 281 -23.89 20.37 19.25
C VAL A 281 -22.70 21.28 19.06
N LYS A 282 -22.22 21.39 17.82
CA LYS A 282 -21.03 22.15 17.52
C LYS A 282 -21.12 23.60 17.99
N SER A 283 -22.32 24.18 17.94
CA SER A 283 -22.55 25.57 18.35
C SER A 283 -22.22 25.84 19.82
N GLY A 284 -21.91 24.79 20.58
CA GLY A 284 -21.57 24.96 21.98
C GLY A 284 -22.38 24.09 22.93
N TRP A 285 -21.81 23.83 24.12
CA TRP A 285 -22.49 23.05 25.15
C TRP A 285 -23.73 23.77 25.64
N ALA A 286 -24.58 23.04 26.35
CA ALA A 286 -25.78 23.62 26.91
C ALA A 286 -25.56 23.85 28.40
N ASP A 287 -26.54 24.45 29.06
CA ASP A 287 -26.44 24.71 30.50
C ASP A 287 -26.23 23.41 31.27
N ASP A 288 -27.23 22.53 31.17
CA ASP A 288 -27.21 21.24 31.85
C ASP A 288 -25.93 20.50 31.49
N GLU A 289 -25.67 20.40 30.20
CA GLU A 289 -24.48 19.72 29.70
C GLU A 289 -23.23 20.30 30.32
N ARG A 290 -23.14 21.62 30.37
CA ARG A 290 -21.98 22.28 30.97
C ARG A 290 -21.88 21.90 32.45
N ALA A 291 -23.04 21.61 33.05
CA ALA A 291 -23.11 21.18 34.45
C ALA A 291 -22.57 19.75 34.56
N LEU A 292 -23.18 18.83 33.82
CA LEU A 292 -22.78 17.42 33.80
C LEU A 292 -21.31 17.30 33.46
N ARG A 293 -20.81 18.26 32.68
CA ARG A 293 -19.43 18.29 32.27
C ARG A 293 -18.49 18.69 33.40
N SER A 294 -19.05 19.00 34.57
CA SER A 294 -18.26 19.39 35.73
C SER A 294 -18.28 18.32 36.81
N LEU A 295 -19.38 17.57 36.83
CA LEU A 295 -19.62 16.49 37.80
C LEU A 295 -18.40 15.59 37.99
N ASP B 4 17.19 11.76 -6.64
CA ASP B 4 15.92 12.48 -6.99
C ASP B 4 14.92 11.70 -7.85
N LYS B 5 15.26 11.44 -9.11
CA LYS B 5 14.36 10.69 -9.99
C LYS B 5 14.17 9.25 -9.49
N SER B 6 13.12 8.60 -9.97
CA SER B 6 12.84 7.21 -9.63
C SER B 6 12.25 6.50 -10.86
N TYR B 7 12.52 5.20 -11.02
CA TYR B 7 12.00 4.47 -12.16
C TYR B 7 11.26 3.23 -11.73
N CYS B 8 10.25 2.85 -12.50
CA CYS B 8 9.45 1.68 -12.21
C CYS B 8 8.70 1.24 -13.44
N GLY B 9 8.73 -0.07 -13.71
CA GLY B 9 8.04 -0.57 -14.87
C GLY B 9 7.84 -2.08 -14.84
N PHE B 10 6.90 -2.56 -15.64
CA PHE B 10 6.59 -3.96 -15.76
C PHE B 10 7.50 -4.64 -16.78
N ILE B 11 7.92 -5.86 -16.44
CA ILE B 11 8.80 -6.68 -17.26
C ILE B 11 8.25 -8.11 -17.35
N ALA B 12 8.37 -8.75 -18.50
CA ALA B 12 7.84 -10.09 -18.64
C ALA B 12 8.94 -11.14 -18.63
N ILE B 13 8.52 -12.34 -18.25
CA ILE B 13 9.34 -13.55 -18.22
C ILE B 13 8.46 -14.64 -18.73
N VAL B 14 8.61 -14.93 -20.00
CA VAL B 14 7.80 -15.92 -20.67
C VAL B 14 8.61 -17.17 -21.03
N GLY B 15 7.88 -18.21 -21.42
CA GLY B 15 8.52 -19.45 -21.80
C GLY B 15 7.63 -20.62 -21.52
N ARG B 16 7.82 -21.72 -22.26
CA ARG B 16 7.03 -22.93 -22.00
C ARG B 16 7.43 -23.42 -20.61
N PRO B 17 6.54 -24.18 -19.94
CA PRO B 17 6.84 -24.69 -18.59
C PRO B 17 8.09 -25.55 -18.46
N ASN B 18 8.72 -25.47 -17.29
CA ASN B 18 9.91 -26.26 -16.97
C ASN B 18 11.13 -25.86 -17.80
N VAL B 19 11.36 -24.55 -17.89
CA VAL B 19 12.48 -24.03 -18.65
C VAL B 19 13.50 -23.28 -17.76
N GLY B 20 13.07 -22.88 -16.55
CA GLY B 20 13.93 -22.16 -15.62
C GLY B 20 13.47 -20.72 -15.34
N LYS B 21 12.21 -20.42 -15.68
CA LYS B 21 11.65 -19.08 -15.50
C LYS B 21 11.66 -18.69 -14.04
N SER B 22 11.16 -19.60 -13.21
CA SER B 22 11.04 -19.38 -11.76
C SER B 22 12.40 -19.22 -11.10
N THR B 23 13.35 -20.03 -11.55
CA THR B 23 14.70 -19.98 -11.00
C THR B 23 15.42 -18.71 -11.39
N LEU B 24 15.20 -18.30 -12.64
CA LEU B 24 15.80 -17.09 -13.15
C LEU B 24 15.24 -15.91 -12.37
N LEU B 25 13.91 -15.94 -12.15
CA LEU B 25 13.23 -14.90 -11.39
C LEU B 25 13.82 -14.72 -9.99
N ASN B 26 13.84 -15.79 -9.19
CA ASN B 26 14.37 -15.73 -7.84
C ASN B 26 15.76 -15.16 -7.82
N LYS B 27 16.53 -15.44 -8.88
CA LYS B 27 17.88 -14.93 -8.98
C LYS B 27 17.86 -13.42 -9.15
N LEU B 28 16.87 -12.94 -9.91
CA LEU B 28 16.68 -11.50 -10.15
C LEU B 28 16.14 -10.79 -8.91
N LEU B 29 15.16 -11.41 -8.24
CA LEU B 29 14.61 -10.86 -7.01
C LEU B 29 15.73 -10.68 -6.00
N GLY B 30 16.78 -11.50 -6.14
CA GLY B 30 17.98 -11.38 -5.34
C GLY B 30 17.87 -11.76 -3.87
N GLN B 31 16.81 -12.48 -3.54
CA GLN B 31 16.54 -12.91 -2.17
C GLN B 31 17.39 -14.12 -1.78
N LYS B 32 17.97 -14.06 -0.57
CA LYS B 32 18.78 -15.14 -0.04
C LYS B 32 17.98 -16.46 -0.06
N ILE B 33 16.91 -16.51 0.75
CA ILE B 33 16.01 -17.66 0.80
C ILE B 33 14.80 -17.37 -0.08
N SER B 34 14.71 -18.04 -1.22
CA SER B 34 13.62 -17.80 -2.17
C SER B 34 12.42 -18.68 -1.88
N ILE B 35 11.31 -18.38 -2.56
CA ILE B 35 10.06 -19.10 -2.41
C ILE B 35 9.48 -19.41 -3.78
N THR B 36 9.85 -20.56 -4.33
CA THR B 36 9.38 -20.99 -5.63
C THR B 36 8.09 -21.74 -5.52
N SER B 37 7.02 -21.14 -6.03
CA SER B 37 5.72 -21.82 -6.01
C SER B 37 5.73 -22.88 -7.10
N ARG B 38 4.54 -23.35 -7.45
CA ARG B 38 4.30 -24.36 -8.50
C ARG B 38 2.83 -24.21 -8.85
N LYS B 39 2.33 -23.02 -8.54
CA LYS B 39 0.93 -22.65 -8.73
C LYS B 39 0.52 -22.66 -10.19
N ALA B 40 -0.07 -23.78 -10.61
CA ALA B 40 -0.60 -23.93 -11.96
C ALA B 40 -1.81 -23.02 -12.11
N GLN B 41 -2.11 -22.34 -10.98
CA GLN B 41 -3.19 -21.38 -10.90
C GLN B 41 -2.60 -20.03 -11.26
N THR B 42 -3.03 -19.49 -12.40
CA THR B 42 -2.52 -18.23 -12.90
C THR B 42 -3.27 -17.02 -12.37
N THR B 43 -2.48 -16.09 -11.81
CA THR B 43 -2.98 -14.84 -11.23
C THR B 43 -3.82 -14.05 -12.24
N ARG B 44 -4.64 -13.15 -11.71
CA ARG B 44 -5.46 -12.31 -12.57
C ARG B 44 -4.71 -11.01 -12.92
N HIS B 45 -3.69 -10.71 -12.12
CA HIS B 45 -2.85 -9.53 -12.27
C HIS B 45 -1.53 -9.91 -12.93
N ARG B 46 -1.23 -11.20 -12.93
CA ARG B 46 -0.04 -11.76 -13.56
C ARG B 46 1.27 -11.37 -12.88
N ILE B 47 1.22 -10.71 -11.73
CA ILE B 47 2.48 -10.35 -11.08
C ILE B 47 3.08 -11.60 -10.49
N VAL B 48 4.37 -11.74 -10.72
CA VAL B 48 5.07 -12.94 -10.33
C VAL B 48 6.15 -12.61 -9.30
N GLY B 49 6.48 -11.33 -9.16
CA GLY B 49 7.50 -10.89 -8.23
C GLY B 49 7.85 -9.43 -8.48
N ILE B 50 8.38 -8.74 -7.47
CA ILE B 50 8.72 -7.33 -7.62
C ILE B 50 10.08 -7.07 -7.02
N HIS B 51 10.99 -6.56 -7.85
CA HIS B 51 12.33 -6.28 -7.38
C HIS B 51 12.49 -4.78 -7.20
N THR B 52 12.65 -4.37 -5.94
CA THR B 52 12.80 -2.98 -5.63
C THR B 52 14.19 -2.77 -5.04
N GLU B 53 14.85 -1.70 -5.45
CA GLU B 53 16.17 -1.40 -4.97
C GLU B 53 16.45 0.05 -5.32
N GLY B 54 16.86 0.86 -4.33
CA GLY B 54 17.11 2.25 -4.62
C GLY B 54 15.91 2.88 -5.30
N ALA B 55 16.13 3.60 -6.38
CA ALA B 55 15.05 4.24 -7.09
C ALA B 55 14.38 3.35 -8.13
N TYR B 56 14.89 2.14 -8.31
CA TYR B 56 14.33 1.25 -9.32
C TYR B 56 13.43 0.16 -8.74
N GLN B 57 12.30 -0.05 -9.41
CA GLN B 57 11.34 -1.07 -9.03
C GLN B 57 10.82 -1.76 -10.28
N ALA B 58 11.29 -2.98 -10.49
CA ALA B 58 10.90 -3.79 -11.63
C ALA B 58 9.80 -4.74 -11.21
N ILE B 59 8.70 -4.70 -11.94
CA ILE B 59 7.56 -5.55 -11.65
C ILE B 59 7.47 -6.64 -12.68
N TYR B 60 7.99 -7.81 -12.28
CA TYR B 60 8.05 -9.00 -13.13
C TYR B 60 6.72 -9.74 -13.22
N VAL B 61 6.19 -9.81 -14.44
CA VAL B 61 4.93 -10.49 -14.73
C VAL B 61 5.24 -11.72 -15.57
N ASP B 62 4.24 -12.54 -15.86
CA ASP B 62 4.45 -13.76 -16.65
C ASP B 62 3.62 -13.72 -17.94
N THR B 63 3.38 -12.50 -18.43
CA THR B 63 2.64 -12.28 -19.67
C THR B 63 3.40 -11.27 -20.50
N PRO B 64 3.46 -11.48 -21.81
CA PRO B 64 4.20 -10.50 -22.60
C PRO B 64 3.52 -9.14 -22.58
N GLY B 65 2.19 -9.14 -22.62
CA GLY B 65 1.42 -7.91 -22.61
C GLY B 65 0.28 -7.91 -21.60
N LEU B 66 0.18 -6.83 -20.82
CA LEU B 66 -0.86 -6.67 -19.80
C LEU B 66 -2.20 -6.26 -20.37
N HIS B 67 -3.18 -7.15 -20.21
CA HIS B 67 -4.54 -6.92 -20.67
C HIS B 67 -5.23 -5.96 -19.71
N MET B 68 -6.31 -5.29 -20.14
CA MET B 68 -6.99 -4.36 -19.26
C MET B 68 -7.43 -5.06 -18.01
N GLU B 69 -7.92 -6.29 -18.16
CA GLU B 69 -8.35 -7.10 -17.04
C GLU B 69 -7.19 -7.29 -16.07
N GLU B 70 -6.01 -7.50 -16.64
CA GLU B 70 -4.79 -7.70 -15.85
C GLU B 70 -4.36 -6.41 -15.18
N LYS B 71 -4.92 -5.29 -15.64
CA LYS B 71 -4.61 -4.02 -15.04
C LYS B 71 -5.55 -3.75 -13.87
N ARG B 72 -6.82 -4.09 -14.06
CA ARG B 72 -7.82 -3.91 -13.02
C ARG B 72 -7.47 -4.75 -11.79
N ALA B 73 -6.93 -5.94 -12.04
CA ALA B 73 -6.55 -6.87 -10.98
C ALA B 73 -5.32 -6.37 -10.24
N ILE B 74 -4.39 -5.77 -10.97
CA ILE B 74 -3.17 -5.23 -10.36
C ILE B 74 -3.56 -4.15 -9.36
N ASN B 75 -4.53 -3.31 -9.74
CA ASN B 75 -5.03 -2.23 -8.89
C ASN B 75 -5.66 -2.79 -7.61
N ARG B 76 -6.53 -3.81 -7.76
CA ARG B 76 -7.18 -4.49 -6.62
C ARG B 76 -6.14 -5.08 -5.67
N LEU B 77 -5.08 -5.63 -6.26
CA LEU B 77 -3.99 -6.20 -5.48
C LEU B 77 -3.38 -5.12 -4.61
N MET B 78 -3.31 -3.91 -5.16
CA MET B 78 -2.75 -2.75 -4.46
C MET B 78 -3.79 -2.01 -3.66
N ASN B 79 -5.05 -2.35 -3.90
CA ASN B 79 -6.19 -1.71 -3.25
C ASN B 79 -6.30 -0.28 -3.74
N LYS B 80 -6.19 -0.13 -5.05
CA LYS B 80 -6.26 1.17 -5.66
C LYS B 80 -7.49 1.26 -6.54
N ALA B 81 -7.85 2.49 -6.88
CA ALA B 81 -8.99 2.72 -7.74
C ALA B 81 -8.75 2.10 -9.11
N ALA B 82 -9.73 1.35 -9.60
CA ALA B 82 -9.66 0.68 -10.89
C ALA B 82 -9.14 1.59 -11.98
N SER B 83 -9.40 2.88 -11.82
CA SER B 83 -9.01 3.91 -12.77
C SER B 83 -7.53 4.28 -12.70
N SER B 84 -6.90 4.05 -11.55
CA SER B 84 -5.49 4.38 -11.38
C SER B 84 -4.64 3.75 -12.50
N SER B 85 -3.84 4.58 -13.16
CA SER B 85 -3.04 4.12 -14.29
C SER B 85 -1.98 3.07 -13.97
N ILE B 86 -1.89 2.09 -14.88
CA ILE B 86 -0.93 1.00 -14.86
C ILE B 86 -0.24 1.03 -16.21
N GLY B 87 1.10 1.00 -16.24
CA GLY B 87 1.83 1.05 -17.50
C GLY B 87 1.73 -0.17 -18.40
N ASP B 88 2.83 -0.46 -19.08
CA ASP B 88 2.89 -1.59 -19.98
C ASP B 88 4.24 -2.29 -19.91
N VAL B 89 4.25 -3.57 -20.29
CA VAL B 89 5.48 -4.35 -20.31
C VAL B 89 6.52 -3.63 -21.17
N GLU B 90 7.65 -3.29 -20.57
CA GLU B 90 8.73 -2.54 -21.22
C GLU B 90 9.84 -3.43 -21.80
N LEU B 91 9.85 -4.70 -21.43
CA LEU B 91 10.87 -5.63 -21.87
C LEU B 91 10.38 -7.03 -21.68
N VAL B 92 11.01 -7.97 -22.36
CA VAL B 92 10.59 -9.36 -22.26
C VAL B 92 11.78 -10.30 -22.17
N ILE B 93 11.69 -11.27 -21.26
CA ILE B 93 12.72 -12.29 -21.16
C ILE B 93 12.08 -13.59 -21.63
N PHE B 94 12.51 -14.04 -22.79
CA PHE B 94 12.02 -15.28 -23.38
C PHE B 94 13.07 -16.35 -23.10
N VAL B 95 12.77 -17.24 -22.17
CA VAL B 95 13.72 -18.28 -21.82
C VAL B 95 13.42 -19.56 -22.58
N VAL B 96 14.49 -20.15 -23.10
CA VAL B 96 14.41 -21.40 -23.84
C VAL B 96 15.36 -22.43 -23.20
N GLU B 97 15.06 -23.72 -23.37
CA GLU B 97 15.90 -24.76 -22.80
C GLU B 97 16.93 -25.34 -23.77
N GLY B 98 18.20 -25.07 -23.49
CA GLY B 98 19.34 -25.54 -24.28
C GLY B 98 19.17 -25.50 -25.79
N THR B 99 18.90 -26.67 -26.37
CA THR B 99 18.76 -26.84 -27.81
C THR B 99 17.37 -27.36 -28.14
N ARG B 100 16.48 -27.28 -27.15
CA ARG B 100 15.11 -27.76 -27.33
C ARG B 100 14.26 -26.71 -28.03
N TRP B 101 13.32 -27.18 -28.84
CA TRP B 101 12.42 -26.29 -29.55
C TRP B 101 11.14 -27.02 -29.97
N THR B 102 10.11 -26.88 -29.13
CA THR B 102 8.77 -27.47 -29.30
C THR B 102 7.79 -26.47 -29.92
N PRO B 103 6.58 -26.93 -30.33
CA PRO B 103 5.61 -25.98 -30.91
C PRO B 103 5.13 -25.04 -29.80
N ASP B 104 5.49 -25.42 -28.56
CA ASP B 104 5.20 -24.63 -27.36
C ASP B 104 6.19 -23.48 -27.31
N ASP B 105 7.47 -23.77 -27.59
CA ASP B 105 8.48 -22.73 -27.63
C ASP B 105 8.10 -21.74 -28.70
N GLU B 106 7.56 -22.29 -29.80
CA GLU B 106 7.12 -21.47 -30.93
C GLU B 106 5.90 -20.65 -30.57
N MET B 107 4.98 -21.28 -29.83
CA MET B 107 3.76 -20.62 -29.39
C MET B 107 4.12 -19.31 -28.70
N VAL B 108 5.02 -19.41 -27.72
CA VAL B 108 5.47 -18.23 -26.98
C VAL B 108 6.11 -17.22 -27.93
N LEU B 109 7.06 -17.68 -28.74
CA LEU B 109 7.78 -16.80 -29.66
C LEU B 109 6.85 -16.10 -30.66
N ASN B 110 5.76 -16.75 -31.04
CA ASN B 110 4.81 -16.15 -31.97
C ASN B 110 4.14 -14.93 -31.37
N LYS B 111 3.68 -15.07 -30.12
CA LYS B 111 3.02 -13.99 -29.41
C LYS B 111 3.96 -12.78 -29.27
N LEU B 112 5.24 -13.06 -29.04
CA LEU B 112 6.26 -12.02 -28.89
C LEU B 112 6.58 -11.29 -30.19
N ARG B 113 6.86 -12.03 -31.26
CA ARG B 113 7.20 -11.46 -32.58
C ARG B 113 6.42 -10.20 -32.87
N GLU B 114 5.14 -10.27 -32.57
CA GLU B 114 4.23 -9.16 -32.76
C GLU B 114 3.98 -8.45 -31.43
N GLY B 115 4.77 -7.40 -31.21
CA GLY B 115 4.70 -6.60 -30.01
C GLY B 115 5.69 -5.46 -30.10
N LYS B 116 5.57 -4.50 -29.20
CA LYS B 116 6.46 -3.34 -29.21
C LYS B 116 7.56 -3.53 -28.20
N ALA B 117 7.52 -4.64 -27.48
CA ALA B 117 8.47 -4.87 -26.39
C ALA B 117 9.78 -5.53 -26.79
N PRO B 118 10.90 -4.89 -26.43
CA PRO B 118 12.19 -5.49 -26.76
C PRO B 118 12.25 -6.80 -26.01
N VAL B 119 12.89 -7.81 -26.59
CA VAL B 119 12.95 -9.10 -25.92
C VAL B 119 14.34 -9.70 -25.92
N ILE B 120 14.76 -10.11 -24.73
CA ILE B 120 16.03 -10.77 -24.48
C ILE B 120 15.81 -12.28 -24.54
N LEU B 121 16.66 -12.97 -25.27
CA LEU B 121 16.57 -14.42 -25.38
C LEU B 121 17.49 -15.01 -24.34
N ALA B 122 16.89 -15.70 -23.38
CA ALA B 122 17.68 -16.32 -22.33
C ALA B 122 17.81 -17.80 -22.61
N VAL B 123 19.02 -18.22 -22.93
CA VAL B 123 19.27 -19.61 -23.21
C VAL B 123 19.73 -20.29 -21.94
N ASN B 124 18.83 -21.09 -21.37
CA ASN B 124 19.08 -21.77 -20.10
C ASN B 124 19.60 -23.19 -20.30
N LYS B 125 20.31 -23.69 -19.29
CA LYS B 125 20.90 -25.03 -19.29
C LYS B 125 21.83 -25.23 -20.48
N VAL B 126 22.53 -24.14 -20.84
CA VAL B 126 23.45 -24.13 -21.97
C VAL B 126 24.62 -25.08 -21.73
N ASP B 127 25.01 -25.22 -20.47
CA ASP B 127 26.12 -26.10 -20.08
C ASP B 127 25.67 -27.55 -20.00
N ASN B 128 24.39 -27.80 -20.30
CA ASN B 128 23.86 -29.15 -20.23
C ASN B 128 23.68 -29.76 -21.63
N VAL B 129 24.03 -28.99 -22.67
CA VAL B 129 23.90 -29.45 -24.04
C VAL B 129 24.93 -30.53 -24.36
N GLN B 130 24.42 -31.68 -24.81
CA GLN B 130 25.23 -32.86 -25.15
C GLN B 130 26.40 -32.52 -26.05
N GLU B 131 26.12 -31.82 -27.15
CA GLU B 131 27.19 -31.41 -28.06
C GLU B 131 26.88 -30.05 -28.69
N LYS B 132 27.78 -29.10 -28.45
CA LYS B 132 27.66 -27.74 -28.96
C LYS B 132 27.38 -27.70 -30.46
N ALA B 133 27.73 -28.79 -31.16
CA ALA B 133 27.50 -28.93 -32.60
C ALA B 133 26.01 -28.90 -32.94
N ASP B 134 25.21 -28.77 -31.88
CA ASP B 134 23.77 -28.65 -31.94
C ASP B 134 23.40 -27.22 -31.56
N LEU B 135 24.21 -26.63 -30.68
CA LEU B 135 23.99 -25.27 -30.16
C LEU B 135 24.15 -24.15 -31.21
N LEU B 136 25.33 -24.01 -31.80
CA LEU B 136 25.53 -22.93 -32.77
C LEU B 136 24.46 -22.89 -33.88
N PRO B 137 24.19 -24.02 -34.55
CA PRO B 137 23.17 -24.05 -35.62
C PRO B 137 21.81 -23.61 -35.09
N HIS B 138 21.53 -24.02 -33.86
CA HIS B 138 20.27 -23.72 -33.18
C HIS B 138 20.11 -22.23 -32.91
N LEU B 139 21.14 -21.66 -32.29
CA LEU B 139 21.13 -20.25 -31.96
C LEU B 139 20.97 -19.40 -33.22
N GLN B 140 21.75 -19.70 -34.26
CA GLN B 140 21.65 -18.97 -35.51
C GLN B 140 20.26 -19.11 -36.08
N PHE B 141 19.60 -20.20 -35.74
CA PHE B 141 18.26 -20.41 -36.18
C PHE B 141 17.27 -19.64 -35.29
N LEU B 142 17.61 -19.46 -34.02
CA LEU B 142 16.73 -18.72 -33.12
C LEU B 142 16.81 -17.24 -33.48
N ALA B 143 18.04 -16.75 -33.62
CA ALA B 143 18.30 -15.36 -33.99
C ALA B 143 17.75 -15.01 -35.38
N SER B 144 17.12 -15.97 -36.05
CA SER B 144 16.51 -15.74 -37.36
C SER B 144 15.01 -15.54 -37.20
N GLN B 145 14.53 -15.92 -36.01
CA GLN B 145 13.12 -15.85 -35.66
C GLN B 145 12.62 -14.43 -35.47
N MET B 146 13.49 -13.56 -34.99
CA MET B 146 13.16 -12.14 -34.78
C MET B 146 14.37 -11.36 -34.28
N ASN B 147 14.27 -10.04 -34.22
CA ASN B 147 15.42 -9.27 -33.77
C ASN B 147 15.44 -9.14 -32.26
N PHE B 148 16.22 -9.99 -31.62
CA PHE B 148 16.33 -9.92 -30.19
C PHE B 148 17.25 -8.77 -29.81
N LEU B 149 16.83 -8.02 -28.79
CA LEU B 149 17.63 -6.93 -28.28
C LEU B 149 19.01 -7.51 -28.00
N ASP B 150 18.98 -8.70 -27.36
CA ASP B 150 20.17 -9.45 -26.96
C ASP B 150 19.84 -10.94 -26.88
N ILE B 151 20.86 -11.76 -27.05
CA ILE B 151 20.77 -13.22 -26.93
C ILE B 151 21.77 -13.54 -25.85
N VAL B 152 21.29 -14.03 -24.71
CA VAL B 152 22.20 -14.30 -23.60
C VAL B 152 21.94 -15.66 -22.96
N PRO B 153 23.03 -16.46 -22.81
CA PRO B 153 23.02 -17.78 -22.22
C PRO B 153 23.21 -17.62 -20.71
N ILE B 154 22.42 -18.37 -19.96
CA ILE B 154 22.47 -18.28 -18.53
C ILE B 154 22.48 -19.66 -17.92
N SER B 155 22.91 -19.73 -16.66
CA SER B 155 22.93 -20.99 -15.94
C SER B 155 21.82 -20.98 -14.90
N ALA B 156 20.88 -21.91 -15.04
CA ALA B 156 19.72 -22.04 -14.15
C ALA B 156 20.04 -21.81 -12.67
N GLU B 157 21.03 -22.53 -12.13
CA GLU B 157 21.36 -22.37 -10.71
C GLU B 157 22.67 -21.61 -10.45
N THR B 158 23.42 -21.30 -11.49
CA THR B 158 24.69 -20.57 -11.35
C THR B 158 24.52 -19.07 -11.46
N GLY B 159 23.41 -18.63 -12.07
CA GLY B 159 23.21 -17.22 -12.27
C GLY B 159 24.33 -16.70 -13.15
N LEU B 160 24.52 -17.38 -14.27
CA LEU B 160 25.58 -17.02 -15.19
C LEU B 160 25.47 -15.55 -15.57
N ASN B 161 24.51 -15.22 -16.43
CA ASN B 161 24.34 -13.84 -16.83
C ASN B 161 23.06 -13.25 -16.31
N VAL B 162 22.84 -13.42 -15.01
CA VAL B 162 21.66 -12.88 -14.38
C VAL B 162 21.90 -11.38 -14.13
N ASP B 163 23.15 -11.06 -13.85
CA ASP B 163 23.56 -9.68 -13.63
C ASP B 163 23.37 -8.87 -14.91
N THR B 164 23.71 -9.50 -16.03
CA THR B 164 23.59 -8.89 -17.34
C THR B 164 22.14 -8.63 -17.66
N ILE B 165 21.29 -9.64 -17.44
CA ILE B 165 19.85 -9.48 -17.68
C ILE B 165 19.25 -8.48 -16.68
N ALA B 166 19.84 -8.41 -15.49
CA ALA B 166 19.39 -7.47 -14.48
C ALA B 166 19.68 -6.08 -14.93
N ALA B 167 20.84 -5.90 -15.55
CA ALA B 167 21.30 -4.57 -16.00
C ALA B 167 20.52 -4.12 -17.21
N ILE B 168 20.09 -4.99 -18.09
CA ILE B 168 19.30 -4.50 -19.23
C ILE B 168 17.91 -4.12 -18.74
N VAL B 169 17.37 -4.95 -17.85
CA VAL B 169 16.03 -4.75 -17.23
C VAL B 169 15.92 -3.38 -16.57
N ARG B 170 16.94 -3.01 -15.81
CA ARG B 170 16.82 -1.73 -15.19
C ARG B 170 16.85 -0.60 -16.23
N LYS B 171 17.55 -0.80 -17.36
CA LYS B 171 17.67 0.19 -18.44
C LYS B 171 16.38 0.39 -19.07
N HIS B 172 15.48 -0.54 -18.85
CA HIS B 172 14.18 -0.43 -19.49
C HIS B 172 13.08 0.09 -18.60
N LEU B 173 13.43 0.46 -17.37
CA LEU B 173 12.45 0.97 -16.44
C LEU B 173 12.14 2.44 -16.70
N PRO B 174 10.94 2.73 -17.20
CA PRO B 174 10.57 4.11 -17.48
C PRO B 174 10.68 4.92 -16.20
N GLU B 175 10.78 6.22 -16.37
CA GLU B 175 10.82 7.10 -15.22
C GLU B 175 9.40 7.11 -14.68
N ALA B 176 9.26 6.87 -13.38
CA ALA B 176 7.94 6.86 -12.74
C ALA B 176 8.05 6.62 -11.25
N THR B 177 6.93 6.74 -10.59
CA THR B 177 6.89 6.50 -9.17
C THR B 177 6.61 5.01 -8.97
N HIS B 178 7.14 4.42 -7.90
CA HIS B 178 6.91 2.99 -7.62
C HIS B 178 5.44 2.75 -7.35
N HIS B 179 4.84 1.81 -8.06
CA HIS B 179 3.44 1.47 -7.84
C HIS B 179 3.26 0.71 -6.52
N PHE B 180 4.29 -0.02 -6.10
CA PHE B 180 4.17 -0.89 -4.94
C PHE B 180 5.04 -0.55 -3.76
N PRO B 181 4.53 -0.84 -2.55
CA PRO B 181 5.28 -0.57 -1.34
C PRO B 181 6.42 -1.59 -1.48
N GLU B 182 7.53 -1.35 -0.81
CA GLU B 182 8.68 -2.22 -0.91
C GLU B 182 8.42 -3.73 -0.82
N ASP B 183 8.06 -4.25 0.35
CA ASP B 183 7.90 -5.70 0.45
C ASP B 183 6.46 -6.22 0.30
N TYR B 184 5.72 -5.72 -0.67
CA TYR B 184 4.32 -6.14 -0.88
C TYR B 184 4.19 -7.64 -1.27
N ILE B 185 3.11 -8.27 -0.85
CA ILE B 185 2.88 -9.69 -1.19
C ILE B 185 1.83 -9.84 -2.29
N THR B 186 2.23 -10.38 -3.44
CA THR B 186 1.37 -10.61 -4.61
C THR B 186 0.57 -11.92 -4.51
N ASP B 187 0.99 -12.74 -3.55
CA ASP B 187 0.36 -14.01 -3.26
C ASP B 187 -0.15 -13.94 -1.84
N ARG B 188 -1.46 -13.76 -1.69
CA ARG B 188 -2.05 -13.65 -0.37
C ARG B 188 -2.83 -14.87 0.04
N SER B 189 -2.53 -15.97 -0.64
CA SER B 189 -3.13 -17.27 -0.37
C SER B 189 -2.49 -17.85 0.88
N GLN B 190 -3.16 -18.82 1.49
CA GLN B 190 -2.55 -19.44 2.66
C GLN B 190 -1.29 -20.22 2.29
N ARG B 191 -1.31 -20.81 1.08
CA ARG B 191 -0.16 -21.57 0.57
C ARG B 191 1.09 -20.69 0.57
N PHE B 192 0.95 -19.40 0.28
CA PHE B 192 2.10 -18.52 0.31
C PHE B 192 2.42 -18.12 1.75
N MET B 193 1.38 -17.96 2.58
CA MET B 193 1.56 -17.60 3.97
C MET B 193 2.40 -18.67 4.69
N ALA B 194 2.17 -19.92 4.29
CA ALA B 194 2.90 -21.07 4.82
C ALA B 194 4.38 -20.98 4.43
N SER B 195 4.63 -20.90 3.11
CA SER B 195 5.98 -20.78 2.57
C SER B 195 6.73 -19.66 3.27
N GLU B 196 5.98 -18.60 3.55
CA GLU B 196 6.49 -17.41 4.20
C GLU B 196 6.94 -17.65 5.64
N ILE B 197 6.22 -18.51 6.35
CA ILE B 197 6.53 -18.84 7.74
C ILE B 197 7.81 -19.70 7.85
N ILE B 198 7.94 -20.67 6.94
CA ILE B 198 9.10 -21.55 6.88
C ILE B 198 10.36 -20.73 6.59
N ARG B 199 10.18 -19.73 5.71
CA ARG B 199 11.22 -18.79 5.33
C ARG B 199 11.77 -18.07 6.56
N GLU B 200 10.87 -17.59 7.42
CA GLU B 200 11.26 -16.87 8.62
C GLU B 200 12.00 -17.75 9.58
N LYS B 201 11.47 -18.95 9.77
CA LYS B 201 12.07 -19.91 10.67
C LYS B 201 13.46 -20.28 10.20
N LEU B 202 13.63 -20.42 8.89
CA LEU B 202 14.95 -20.72 8.31
C LEU B 202 15.89 -19.57 8.58
N MET B 203 15.36 -18.38 8.37
CA MET B 203 16.12 -17.15 8.55
C MET B 203 16.40 -16.90 10.02
N ARG B 204 15.47 -17.32 10.88
CA ARG B 204 15.57 -17.10 12.33
C ARG B 204 16.48 -18.10 13.01
N PHE B 205 16.39 -19.36 12.60
CA PHE B 205 17.18 -20.43 13.21
C PHE B 205 18.48 -20.77 12.48
N LEU B 206 18.49 -20.79 11.16
CA LEU B 206 19.74 -21.08 10.46
C LEU B 206 20.75 -19.97 10.74
N GLY B 207 20.21 -18.79 11.06
CA GLY B 207 21.02 -17.65 11.44
C GLY B 207 22.01 -17.13 10.40
N ALA B 208 21.72 -17.33 9.12
CA ALA B 208 22.59 -16.81 8.06
C ALA B 208 23.88 -17.62 7.84
N GLU B 209 24.10 -18.69 8.61
CA GLU B 209 25.24 -19.57 8.36
C GLU B 209 24.96 -20.18 6.98
N LEU B 210 23.66 -20.10 6.72
CA LEU B 210 22.83 -20.50 5.59
C LEU B 210 23.41 -20.29 4.19
N PRO B 211 23.01 -21.21 3.28
CA PRO B 211 23.35 -21.30 1.86
C PRO B 211 22.76 -20.10 1.17
N TYR B 212 23.59 -19.37 0.44
CA TYR B 212 23.11 -18.18 -0.26
C TYR B 212 21.96 -18.50 -1.22
N SER B 213 21.60 -19.78 -1.35
CA SER B 213 20.54 -20.13 -2.27
C SER B 213 19.62 -21.23 -1.75
N VAL B 214 18.91 -20.96 -0.66
CA VAL B 214 17.94 -21.90 -0.18
C VAL B 214 16.62 -21.57 -0.87
N THR B 215 15.76 -22.56 -1.07
CA THR B 215 14.49 -22.31 -1.72
C THR B 215 13.37 -23.11 -1.09
N VAL B 216 12.44 -22.43 -0.43
CA VAL B 216 11.30 -23.05 0.22
C VAL B 216 10.24 -23.41 -0.83
N GLU B 217 9.33 -24.30 -0.48
CA GLU B 217 8.29 -24.70 -1.42
C GLU B 217 7.24 -25.61 -0.79
N ILE B 218 5.97 -25.22 -0.90
CA ILE B 218 4.88 -26.02 -0.36
C ILE B 218 4.45 -27.04 -1.42
N GLU B 219 4.97 -28.26 -1.26
CA GLU B 219 4.68 -29.36 -2.19
C GLU B 219 3.27 -29.90 -1.98
N ARG B 220 2.65 -29.51 -0.86
CA ARG B 220 1.31 -29.93 -0.53
C ARG B 220 0.72 -29.09 0.58
N PHE B 221 -0.51 -28.65 0.37
CA PHE B 221 -1.26 -27.84 1.33
C PHE B 221 -2.72 -28.16 1.10
N VAL B 222 -3.29 -29.03 1.92
CA VAL B 222 -4.66 -29.42 1.69
C VAL B 222 -5.45 -29.70 2.96
N SER B 223 -6.66 -30.18 2.74
CA SER B 223 -7.55 -30.63 3.79
C SER B 223 -7.63 -32.16 3.65
N ASN B 224 -8.40 -32.85 4.48
CA ASN B 224 -8.43 -34.30 4.34
C ASN B 224 -9.84 -34.81 4.24
N GLU B 225 -9.95 -36.12 4.02
CA GLU B 225 -11.25 -36.77 4.02
C GLU B 225 -11.62 -36.87 5.49
N ARG B 226 -10.59 -36.72 6.32
CA ARG B 226 -10.69 -36.77 7.77
C ARG B 226 -10.56 -35.38 8.39
N GLY B 227 -10.39 -34.35 7.55
CA GLY B 227 -10.31 -32.97 8.02
C GLY B 227 -8.93 -32.50 8.49
N GLY B 228 -8.74 -31.18 8.50
CA GLY B 228 -7.48 -30.61 8.94
C GLY B 228 -6.66 -29.99 7.83
N TYR B 229 -5.41 -29.66 8.15
CA TYR B 229 -4.48 -29.06 7.19
C TYR B 229 -3.17 -29.85 7.01
N ASP B 230 -3.07 -30.57 5.89
CA ASP B 230 -1.87 -31.33 5.55
C ASP B 230 -0.89 -30.43 4.80
N ILE B 231 0.15 -29.98 5.50
CA ILE B 231 1.14 -29.12 4.86
C ILE B 231 2.47 -29.85 4.70
N ASN B 232 3.04 -29.80 3.50
CA ASN B 232 4.31 -30.43 3.18
C ASN B 232 5.34 -29.40 2.72
N GLY B 233 6.33 -29.12 3.57
CA GLY B 233 7.37 -28.18 3.22
C GLY B 233 8.53 -28.84 2.51
N LEU B 234 9.17 -28.11 1.60
CA LEU B 234 10.29 -28.63 0.85
C LEU B 234 11.45 -27.63 0.82
N ILE B 235 12.36 -27.73 1.78
CA ILE B 235 13.50 -26.84 1.85
C ILE B 235 14.61 -27.37 0.94
N LEU B 236 14.94 -26.64 -0.11
CA LEU B 236 15.96 -27.07 -1.09
C LEU B 236 17.27 -26.28 -1.00
N VAL B 237 18.39 -26.99 -0.95
CA VAL B 237 19.69 -26.33 -0.88
C VAL B 237 20.58 -26.70 -2.07
N GLU B 238 21.71 -26.02 -2.21
CA GLU B 238 22.64 -26.27 -3.31
C GLU B 238 23.48 -27.52 -3.05
N ARG B 239 24.45 -27.37 -2.16
CA ARG B 239 25.39 -28.41 -1.79
C ARG B 239 24.81 -29.41 -0.76
N GLU B 240 25.62 -30.41 -0.44
CA GLU B 240 25.26 -31.48 0.48
C GLU B 240 25.31 -31.03 1.94
N GLY B 241 26.45 -30.48 2.35
CA GLY B 241 26.65 -30.02 3.70
C GLY B 241 25.59 -29.02 4.11
N GLN B 242 25.10 -28.29 3.12
CA GLN B 242 24.07 -27.32 3.35
C GLN B 242 22.86 -28.04 3.90
N LYS B 243 22.55 -29.17 3.27
CA LYS B 243 21.44 -30.02 3.74
C LYS B 243 21.69 -30.47 5.17
N LYS B 244 22.94 -30.86 5.43
CA LYS B 244 23.38 -31.29 6.76
C LYS B 244 23.28 -30.14 7.77
N MET B 245 23.38 -28.90 7.29
CA MET B 245 23.28 -27.70 8.13
C MET B 245 21.83 -27.49 8.55
N VAL B 246 20.95 -27.44 7.56
CA VAL B 246 19.55 -27.27 7.83
C VAL B 246 19.03 -28.36 8.78
N ILE B 247 19.50 -29.59 8.63
CA ILE B 247 19.08 -30.67 9.51
C ILE B 247 19.66 -30.47 10.91
N GLY B 248 20.94 -30.12 10.95
CA GLY B 248 21.61 -29.84 12.21
C GLY B 248 21.88 -31.04 13.05
N ASN B 249 22.75 -30.87 14.04
CA ASN B 249 23.11 -31.90 15.01
C ASN B 249 21.89 -32.60 15.56
N LYS B 250 21.93 -33.93 15.65
CA LYS B 250 20.85 -34.78 16.16
C LYS B 250 19.51 -34.53 15.46
N GLY B 251 19.47 -33.54 14.59
CA GLY B 251 18.27 -33.31 13.77
C GLY B 251 17.50 -32.22 14.48
N ALA B 252 18.19 -31.62 15.45
CA ALA B 252 17.66 -30.56 16.29
C ALA B 252 17.15 -29.35 15.49
N LYS B 253 18.03 -28.75 14.71
CA LYS B 253 17.71 -27.58 13.91
C LYS B 253 16.46 -27.76 13.08
N ILE B 254 16.41 -28.84 12.29
CA ILE B 254 15.23 -29.06 11.48
C ILE B 254 14.00 -29.32 12.35
N LYS B 255 14.21 -29.93 13.52
CA LYS B 255 13.12 -30.22 14.45
C LYS B 255 12.45 -28.92 14.92
N THR B 256 13.30 -27.98 15.38
CA THR B 256 12.90 -26.65 15.86
C THR B 256 12.22 -25.80 14.77
N ILE B 257 12.86 -25.69 13.60
CA ILE B 257 12.33 -24.92 12.48
C ILE B 257 10.92 -25.37 12.17
N GLY B 258 10.65 -26.65 12.41
CA GLY B 258 9.35 -27.20 12.12
C GLY B 258 8.32 -26.99 13.22
N ILE B 259 8.74 -27.00 14.49
CA ILE B 259 7.76 -26.79 15.56
C ILE B 259 7.32 -25.33 15.58
N GLU B 260 8.28 -24.43 15.37
CA GLU B 260 8.02 -23.00 15.32
C GLU B 260 7.21 -22.65 14.07
N ALA B 261 7.56 -23.27 12.95
CA ALA B 261 6.84 -23.02 11.71
C ALA B 261 5.40 -23.51 11.82
N ARG B 262 5.23 -24.71 12.36
CA ARG B 262 3.91 -25.30 12.53
C ARG B 262 3.08 -24.43 13.45
N LYS B 263 3.73 -23.86 14.46
CA LYS B 263 3.06 -23.00 15.42
C LYS B 263 2.41 -21.80 14.74
N ASP B 264 3.19 -20.93 14.11
CA ASP B 264 2.63 -19.78 13.41
C ASP B 264 1.60 -20.22 12.39
N MET B 265 1.78 -21.38 11.77
CA MET B 265 0.80 -21.85 10.79
C MET B 265 -0.49 -22.22 11.52
N GLN B 266 -0.33 -22.60 12.79
CA GLN B 266 -1.44 -22.97 13.66
C GLN B 266 -2.23 -21.74 14.03
N GLU B 267 -1.50 -20.71 14.46
CA GLU B 267 -2.05 -19.45 14.90
C GLU B 267 -2.36 -18.50 13.73
N MET B 268 -1.37 -18.24 12.89
CA MET B 268 -1.51 -17.36 11.74
C MET B 268 -2.60 -17.89 10.79
N PHE B 269 -2.95 -19.16 10.97
CA PHE B 269 -4.08 -19.77 10.27
C PHE B 269 -5.03 -20.07 11.42
N GLU B 270 -6.30 -20.29 11.17
CA GLU B 270 -7.18 -20.50 12.31
C GLU B 270 -7.14 -21.90 12.91
N ALA B 271 -6.93 -22.93 12.11
CA ALA B 271 -6.95 -24.31 12.63
C ALA B 271 -5.57 -25.01 12.65
N PRO B 272 -5.51 -26.27 13.14
CA PRO B 272 -4.29 -27.10 13.22
C PRO B 272 -3.67 -27.59 11.91
N VAL B 273 -2.34 -27.74 11.93
CA VAL B 273 -1.59 -28.18 10.77
C VAL B 273 -0.62 -29.32 11.08
N HIS B 274 -0.60 -30.27 10.15
CA HIS B 274 0.31 -31.38 10.19
C HIS B 274 1.47 -30.96 9.29
N LEU B 275 2.45 -30.29 9.86
CA LEU B 275 3.58 -29.81 9.08
C LEU B 275 4.67 -30.87 8.87
N GLU B 276 4.87 -31.23 7.61
CA GLU B 276 5.88 -32.19 7.20
C GLU B 276 6.96 -31.45 6.42
N LEU B 277 8.08 -31.20 7.07
CA LEU B 277 9.20 -30.48 6.48
C LEU B 277 10.29 -31.41 5.93
N TRP B 278 10.60 -31.28 4.63
CA TRP B 278 11.61 -32.13 3.97
C TRP B 278 12.80 -31.36 3.36
N VAL B 279 14.00 -31.57 3.88
CA VAL B 279 15.19 -30.94 3.32
C VAL B 279 15.68 -31.74 2.11
N LYS B 280 16.18 -31.05 1.08
CA LYS B 280 16.61 -31.72 -0.14
C LYS B 280 17.62 -30.93 -0.96
N VAL B 281 18.52 -31.66 -1.62
CA VAL B 281 19.45 -31.00 -2.54
C VAL B 281 18.76 -30.96 -3.90
N LYS B 282 18.80 -29.79 -4.54
CA LYS B 282 18.13 -29.59 -5.83
C LYS B 282 18.57 -30.60 -6.89
N SER B 283 19.82 -31.07 -6.78
CA SER B 283 20.37 -32.04 -7.71
C SER B 283 19.72 -33.43 -7.62
N GLY B 284 18.60 -33.54 -6.91
CA GLY B 284 17.89 -34.80 -6.79
C GLY B 284 18.01 -35.45 -5.43
N TRP B 285 16.97 -36.20 -5.02
CA TRP B 285 16.97 -36.90 -3.73
C TRP B 285 18.13 -37.87 -3.63
N ALA B 286 18.23 -38.53 -2.49
CA ALA B 286 19.24 -39.56 -2.29
C ALA B 286 18.54 -40.90 -2.20
N ASP B 287 19.29 -41.95 -1.91
CA ASP B 287 18.73 -43.30 -1.82
C ASP B 287 17.90 -43.49 -0.54
N ASP B 288 18.48 -43.08 0.59
CA ASP B 288 17.84 -43.16 1.90
C ASP B 288 16.60 -42.30 1.89
N GLU B 289 16.82 -41.06 1.45
CA GLU B 289 15.77 -40.05 1.35
C GLU B 289 14.65 -40.57 0.52
N ARG B 290 15.00 -41.11 -0.65
CA ARG B 290 13.99 -41.67 -1.53
C ARG B 290 13.26 -42.80 -0.80
N ALA B 291 13.98 -43.44 0.11
CA ALA B 291 13.44 -44.53 0.92
C ALA B 291 12.51 -43.98 1.98
N LEU B 292 12.93 -42.87 2.57
CA LEU B 292 12.16 -42.20 3.61
C LEU B 292 10.90 -41.53 3.03
N ARG B 293 11.05 -41.11 1.80
CA ARG B 293 9.98 -40.42 1.03
C ARG B 293 8.94 -41.40 0.54
N SER B 294 9.44 -42.47 -0.02
CA SER B 294 8.60 -43.52 -0.57
C SER B 294 7.77 -44.16 0.55
N LEU B 295 7.47 -43.43 1.60
CA LEU B 295 6.63 -44.00 2.68
C LEU B 295 6.03 -42.82 3.52
N GLY B 296 5.18 -43.00 4.57
CA GLY B 296 4.58 -41.71 5.05
C GLY B 296 3.99 -41.50 6.47
S SO4 C . -8.88 25.29 11.64
O1 SO4 C . -10.31 25.25 11.74
O2 SO4 C . -8.55 23.97 11.22
O3 SO4 C . -8.47 26.32 10.76
O4 SO4 C . -8.17 25.59 12.83
S SO4 D . -16.51 19.92 11.44
O1 SO4 D . -15.15 20.20 11.87
O2 SO4 D . -17.36 21.07 11.59
O3 SO4 D . -16.58 19.48 10.05
O4 SO4 D . -17.04 18.93 12.30
S SO4 E . -23.69 8.85 2.18
O1 SO4 E . -24.98 8.28 1.93
O2 SO4 E . -22.86 8.59 1.06
O3 SO4 E . -23.85 10.27 2.32
O4 SO4 E . -23.06 8.26 3.31
S SO4 F . 9.98 -22.69 -14.94
O1 SO4 F . 10.11 -22.22 -16.25
O2 SO4 F . 9.43 -21.75 -14.03
O3 SO4 F . 9.00 -23.70 -15.26
O4 SO4 F . 11.26 -22.98 -14.33
S SO4 G . 15.13 -22.63 -7.48
O1 SO4 G . 15.60 -21.40 -6.89
O2 SO4 G . 13.94 -22.40 -8.26
O3 SO4 G . 16.21 -23.19 -8.26
O4 SO4 G . 14.80 -23.60 -6.47
#